data_4XD8
#
_entry.id   4XD8
#
_cell.length_a   41.490
_cell.length_b   45.750
_cell.length_c   59.850
_cell.angle_alpha   90.00
_cell.angle_beta   107.55
_cell.angle_gamma   90.00
#
_symmetry.space_group_name_H-M   'P 1 21 1'
#
loop_
_entity.id
_entity.type
_entity.pdbx_description
1 polymer 'Heat shock cognate 90 kDa protein'
2 non-polymer 'MAGNESIUM ION'
3 non-polymer 'PHOSPHOAMINOPHOSPHONIC ACID-ADENYLATE ESTER'
4 water water
#
_entity_poly.entity_id   1
_entity_poly.type   'polypeptide(L)'
_entity_poly.pdbx_seq_one_letter_code
;MRGSHHHHHHGMASMTGGQQMGRDLYDDDDKDRWGSMAESQVERFTFQAEINQLMSLIINTFYSNKEVFLRELISNASDA
LDKIRYQSLTDASVLESKTELEIKIIPDKTAKTLTLIDSGIGMTKTDMVKNLGTIARSGTKNFMEQLQSGAADISMIGQF
GVGFYSAYLVADTVIVHSKNNDDEQYVWESSAGGEFTIALDHTEPLGRGTKIVLHMKEDQLDYLDETKIKNLVKKHSEFI
QYPISLLTIKEKEVDEETT
;
_entity_poly.pdbx_strand_id   A
#
loop_
_chem_comp.id
_chem_comp.type
_chem_comp.name
_chem_comp.formula
ANP non-polymer 'PHOSPHOAMINOPHOSPHONIC ACID-ADENYLATE ESTER' 'C10 H17 N6 O12 P3'
MG non-polymer 'MAGNESIUM ION' 'Mg 2'
#
# COMPACT_ATOMS: atom_id res chain seq x y z
N MET A 37 6.98 30.25 -0.48
CA MET A 37 5.56 29.90 -0.81
C MET A 37 5.50 28.84 -1.91
N ALA A 38 4.82 27.74 -1.59
CA ALA A 38 4.71 26.61 -2.49
C ALA A 38 3.28 26.54 -3.04
N GLU A 39 3.13 25.91 -4.19
CA GLU A 39 1.82 25.69 -4.76
C GLU A 39 1.66 24.30 -5.31
N SER A 40 0.48 23.73 -5.14
CA SER A 40 0.16 22.42 -5.69
C SER A 40 -1.28 22.37 -6.20
N GLN A 41 -1.51 21.72 -7.34
CA GLN A 41 -2.87 21.42 -7.74
C GLN A 41 -3.21 20.04 -7.16
N VAL A 42 -4.36 19.92 -6.54
CA VAL A 42 -4.79 18.65 -5.93
C VAL A 42 -6.07 18.23 -6.60
N GLU A 43 -6.13 17.01 -7.12
CA GLU A 43 -7.36 16.55 -7.75
C GLU A 43 -8.10 15.64 -6.80
N ARG A 44 -9.39 15.89 -6.60
CA ARG A 44 -10.20 15.04 -5.74
C ARG A 44 -11.10 14.13 -6.55
N PHE A 45 -11.14 12.87 -6.14
CA PHE A 45 -11.95 11.80 -6.78
C PHE A 45 -12.87 11.14 -5.77
N THR A 46 -13.96 10.56 -6.26
CA THR A 46 -14.92 9.82 -5.43
C THR A 46 -14.71 8.33 -5.66
N PHE A 47 -14.68 7.56 -4.57
CA PHE A 47 -14.60 6.10 -4.67
C PHE A 47 -15.86 5.51 -5.31
N GLN A 48 -15.66 4.46 -6.09
CA GLN A 48 -16.77 3.63 -6.62
C GLN A 48 -17.62 3.19 -5.41
N ALA A 49 -18.93 3.07 -5.60
CA ALA A 49 -19.80 2.85 -4.44
C ALA A 49 -19.46 1.59 -3.63
N GLU A 50 -19.13 0.49 -4.30
CA GLU A 50 -18.88 -0.76 -3.57
C GLU A 50 -17.57 -0.67 -2.83
N ILE A 51 -16.61 0.04 -3.42
CA ILE A 51 -15.33 0.25 -2.75
C ILE A 51 -15.55 1.10 -1.50
N ASN A 52 -16.44 2.08 -1.60
CA ASN A 52 -16.80 2.84 -0.43
C ASN A 52 -17.42 1.97 0.69
N GLN A 53 -18.33 1.07 0.28
CA GLN A 53 -18.97 0.16 1.22
C GLN A 53 -17.94 -0.76 1.86
N LEU A 54 -16.97 -1.21 1.07
CA LEU A 54 -15.96 -2.12 1.58
C LEU A 54 -15.07 -1.45 2.61
N MET A 55 -14.69 -0.21 2.32
CA MET A 55 -13.85 0.56 3.24
C MET A 55 -14.61 0.77 4.54
N SER A 56 -15.91 1.07 4.43
CA SER A 56 -16.78 1.20 5.61
C SER A 56 -16.81 -0.10 6.43
N LEU A 57 -16.93 -1.24 5.75
CA LEU A 57 -16.96 -2.55 6.41
C LEU A 57 -15.62 -2.90 7.10
N ILE A 58 -14.51 -2.49 6.49
CA ILE A 58 -13.16 -2.71 7.02
C ILE A 58 -12.90 -1.82 8.23
N ILE A 59 -13.38 -0.59 8.15
CA ILE A 59 -13.12 0.41 9.18
C ILE A 59 -14.04 0.23 10.39
N ASN A 60 -15.31 -0.07 10.14
CA ASN A 60 -16.36 -0.04 11.20
C ASN A 60 -16.73 -1.37 11.82
N THR A 61 -15.91 -2.39 11.60
CA THR A 61 -16.15 -3.73 12.14
C THR A 61 -14.92 -4.17 12.89
N PHE A 62 -15.11 -4.89 14.00
CA PHE A 62 -14.01 -5.40 14.77
C PHE A 62 -13.43 -6.67 14.14
N TYR A 63 -12.11 -6.69 14.01
CA TYR A 63 -11.38 -7.88 13.56
C TYR A 63 -10.29 -8.23 14.56
N SER A 64 -10.35 -9.45 15.07
CA SER A 64 -9.39 -9.90 16.08
C SER A 64 -7.95 -9.95 15.57
N ASN A 65 -7.77 -10.40 14.33
CA ASN A 65 -6.44 -10.47 13.75
C ASN A 65 -6.34 -9.69 12.46
N LYS A 66 -5.58 -8.61 12.51
CA LYS A 66 -5.45 -7.68 11.39
C LYS A 66 -4.15 -7.80 10.65
N GLU A 67 -3.36 -8.82 10.96
CA GLU A 67 -1.98 -8.88 10.44
C GLU A 67 -1.94 -9.07 8.91
N VAL A 68 -3.06 -9.48 8.32
CA VAL A 68 -3.14 -9.59 6.87
C VAL A 68 -2.73 -8.29 6.17
N PHE A 69 -2.91 -7.14 6.82
CA PHE A 69 -2.56 -5.90 6.13
C PHE A 69 -1.08 -5.95 5.69
N LEU A 70 -0.24 -6.53 6.53
CA LEU A 70 1.20 -6.49 6.26
C LEU A 70 1.50 -7.48 5.13
N ARG A 71 0.84 -8.63 5.17
CA ARG A 71 0.94 -9.60 4.07
C ARG A 71 0.57 -8.95 2.72
N GLU A 72 -0.49 -8.15 2.73
CA GLU A 72 -0.95 -7.55 1.47
C GLU A 72 -0.03 -6.46 0.97
N LEU A 73 0.48 -5.63 1.90
CA LEU A 73 1.47 -4.58 1.51
C LEU A 73 2.71 -5.22 0.84
N ILE A 74 3.22 -6.28 1.46
CA ILE A 74 4.42 -6.95 0.99
C ILE A 74 4.14 -7.66 -0.33
N SER A 75 2.97 -8.29 -0.43
CA SER A 75 2.51 -8.97 -1.67
CA SER A 75 2.61 -8.97 -1.68
C SER A 75 2.49 -7.98 -2.85
N ASN A 76 1.95 -6.79 -2.60
CA ASN A 76 1.88 -5.79 -3.68
C ASN A 76 3.25 -5.32 -4.11
N ALA A 77 4.14 -5.15 -3.14
CA ALA A 77 5.55 -4.78 -3.43
C ALA A 77 6.22 -5.86 -4.26
N SER A 78 6.04 -7.11 -3.86
CA SER A 78 6.65 -8.22 -4.58
C SER A 78 6.11 -8.27 -6.01
N ASP A 79 4.80 -8.13 -6.18
CA ASP A 79 4.20 -8.17 -7.52
C ASP A 79 4.78 -7.06 -8.39
N ALA A 80 4.91 -5.86 -7.80
CA ALA A 80 5.45 -4.70 -8.54
C ALA A 80 6.91 -4.93 -8.96
N LEU A 81 7.68 -5.57 -8.09
CA LEU A 81 9.07 -5.92 -8.36
C LEU A 81 9.15 -6.98 -9.46
N ASP A 82 8.28 -7.99 -9.38
CA ASP A 82 8.23 -9.01 -10.45
C ASP A 82 7.90 -8.35 -11.78
N LYS A 83 6.96 -7.38 -11.79
CA LYS A 83 6.55 -6.80 -13.06
C LYS A 83 7.75 -6.08 -13.74
N ILE A 84 8.50 -5.28 -12.99
CA ILE A 84 9.64 -4.57 -13.57
C ILE A 84 10.78 -5.54 -13.91
N ARG A 85 10.99 -6.56 -13.08
CA ARG A 85 12.00 -7.58 -13.38
C ARG A 85 11.68 -8.25 -14.71
N TYR A 86 10.43 -8.67 -14.88
CA TYR A 86 10.10 -9.35 -16.11
C TYR A 86 10.16 -8.40 -17.30
N GLN A 87 9.78 -7.13 -17.11
CA GLN A 87 9.91 -6.15 -18.18
C GLN A 87 11.36 -6.02 -18.60
N SER A 88 12.28 -6.16 -17.65
CA SER A 88 13.71 -5.93 -17.90
C SER A 88 14.31 -7.05 -18.74
N LEU A 89 13.66 -8.22 -18.71
CA LEU A 89 14.14 -9.39 -19.48
C LEU A 89 13.97 -9.11 -20.97
N THR A 90 12.92 -8.33 -21.29
CA THR A 90 12.58 -7.96 -22.67
C THR A 90 13.00 -6.54 -23.10
N ASP A 91 13.41 -5.72 -22.13
CA ASP A 91 14.00 -4.38 -22.38
C ASP A 91 14.77 -3.97 -21.14
N ALA A 92 16.08 -4.14 -21.18
CA ALA A 92 16.94 -3.86 -20.00
C ALA A 92 16.90 -2.39 -19.53
N SER A 93 16.61 -1.46 -20.45
CA SER A 93 16.64 -0.04 -20.15
C SER A 93 15.61 0.38 -19.10
N VAL A 94 14.61 -0.46 -18.85
CA VAL A 94 13.58 -0.04 -17.87
C VAL A 94 14.13 0.10 -16.45
N LEU A 95 15.28 -0.51 -16.18
CA LEU A 95 15.87 -0.44 -14.85
C LEU A 95 16.76 0.76 -14.62
N GLU A 96 16.97 1.55 -15.65
CA GLU A 96 17.93 2.65 -15.53
C GLU A 96 17.53 3.71 -14.50
N SER A 97 16.23 3.79 -14.21
CA SER A 97 15.70 4.74 -13.22
C SER A 97 16.03 4.38 -11.77
N LYS A 98 16.34 3.10 -11.53
CA LYS A 98 16.70 2.56 -10.22
C LYS A 98 17.12 1.11 -10.38
N THR A 99 18.42 0.83 -10.23
CA THR A 99 18.91 -0.54 -10.50
C THR A 99 18.54 -1.58 -9.43
N GLU A 100 18.43 -1.13 -8.18
CA GLU A 100 18.09 -2.01 -7.06
C GLU A 100 16.63 -2.52 -7.13
N LEU A 101 16.45 -3.80 -6.84
CA LEU A 101 15.12 -4.41 -6.73
C LEU A 101 14.96 -4.91 -5.30
N GLU A 102 14.32 -4.08 -4.47
CA GLU A 102 14.31 -4.33 -3.03
C GLU A 102 13.10 -3.71 -2.37
N ILE A 103 12.90 -4.11 -1.12
CA ILE A 103 11.82 -3.63 -0.27
C ILE A 103 12.43 -3.05 1.02
N LYS A 104 11.90 -1.91 1.47
CA LYS A 104 12.30 -1.32 2.74
C LYS A 104 11.04 -1.13 3.56
N ILE A 105 11.11 -1.52 4.84
CA ILE A 105 9.96 -1.37 5.74
C ILE A 105 10.42 -0.54 6.91
N ILE A 106 9.67 0.53 7.17
CA ILE A 106 10.14 1.58 8.08
C ILE A 106 9.07 1.92 9.13
N PRO A 107 9.16 1.29 10.31
CA PRO A 107 8.30 1.73 11.40
C PRO A 107 8.86 2.98 12.06
N ASP A 108 7.99 3.93 12.33
CA ASP A 108 8.37 5.21 12.89
C ASP A 108 7.36 5.55 13.99
N LYS A 109 7.66 5.18 15.24
CA LYS A 109 6.69 5.40 16.32
C LYS A 109 6.40 6.85 16.59
N THR A 110 7.43 7.68 16.55
CA THR A 110 7.26 9.13 16.74
C THR A 110 6.23 9.71 15.78
N ALA A 111 6.36 9.35 14.51
CA ALA A 111 5.46 9.82 13.45
C ALA A 111 4.14 9.07 13.44
N LYS A 112 4.09 7.94 14.14
CA LYS A 112 2.92 7.02 14.14
C LYS A 112 2.65 6.47 12.73
N THR A 113 3.73 6.20 12.01
CA THR A 113 3.62 5.68 10.65
C THR A 113 4.36 4.36 10.45
N LEU A 114 3.85 3.56 9.52
CA LEU A 114 4.59 2.42 8.97
C LEU A 114 4.71 2.70 7.47
N THR A 115 5.95 2.71 6.95
CA THR A 115 6.18 2.96 5.54
C THR A 115 6.74 1.71 4.86
N LEU A 116 6.25 1.41 3.65
CA LEU A 116 6.80 0.30 2.89
C LEU A 116 7.19 0.83 1.52
N ILE A 117 8.45 0.70 1.19
CA ILE A 117 8.96 1.18 -0.10
C ILE A 117 9.39 0.02 -0.95
N ASP A 118 9.00 0.04 -2.21
CA ASP A 118 9.58 -0.92 -3.16
C ASP A 118 10.16 -0.18 -4.35
N SER A 119 11.09 -0.83 -5.05
CA SER A 119 11.63 -0.32 -6.30
CA SER A 119 11.61 -0.28 -6.30
C SER A 119 11.06 -1.07 -7.50
N GLY A 120 9.77 -1.39 -7.40
CA GLY A 120 9.05 -2.09 -8.48
C GLY A 120 8.63 -1.16 -9.59
N ILE A 121 7.60 -1.56 -10.31
CA ILE A 121 7.19 -0.88 -11.53
C ILE A 121 6.71 0.55 -11.30
N GLY A 122 6.08 0.79 -10.16
CA GLY A 122 5.47 2.09 -9.90
C GLY A 122 4.16 2.28 -10.67
N MET A 123 3.44 3.33 -10.30
CA MET A 123 2.16 3.65 -10.91
C MET A 123 2.19 5.06 -11.46
N THR A 124 1.70 5.23 -12.69
CA THR A 124 1.43 6.57 -13.19
C THR A 124 0.20 7.19 -12.49
N LYS A 125 -0.07 8.47 -12.75
CA LYS A 125 -1.24 9.09 -12.13
C LYS A 125 -2.49 8.31 -12.52
N THR A 126 -2.65 8.02 -13.82
CA THR A 126 -3.80 7.26 -14.26
C THR A 126 -3.88 5.86 -13.64
N ASP A 127 -2.74 5.20 -13.51
CA ASP A 127 -2.69 3.90 -12.82
C ASP A 127 -3.25 4.02 -11.41
N MET A 128 -2.91 5.09 -10.70
CA MET A 128 -3.40 5.22 -9.33
CA MET A 128 -3.41 5.29 -9.33
C MET A 128 -4.91 5.50 -9.30
N VAL A 129 -5.41 6.37 -10.18
CA VAL A 129 -6.85 6.65 -10.26
C VAL A 129 -7.63 5.35 -10.54
N LYS A 130 -7.14 4.58 -11.49
CA LYS A 130 -7.84 3.35 -11.90
C LYS A 130 -7.70 2.22 -10.91
N ASN A 131 -6.50 2.03 -10.39
CA ASN A 131 -6.21 0.88 -9.53
C ASN A 131 -6.55 1.06 -8.07
N LEU A 132 -6.62 2.31 -7.62
CA LEU A 132 -6.80 2.61 -6.20
C LEU A 132 -8.13 3.37 -5.95
N GLY A 133 -9.20 3.01 -6.67
CA GLY A 133 -10.52 3.34 -6.12
C GLY A 133 -11.67 3.75 -7.00
N THR A 134 -11.40 4.10 -8.25
CA THR A 134 -12.50 4.49 -9.16
C THR A 134 -13.13 3.33 -9.92
N ILE A 135 -12.46 2.18 -9.95
CA ILE A 135 -12.98 0.97 -10.62
C ILE A 135 -13.19 -0.17 -9.60
N ALA A 136 -14.28 -0.93 -9.70
CA ALA A 136 -14.44 -2.12 -8.85
C ALA A 136 -14.74 -3.35 -9.68
N ARG A 137 -14.00 -4.41 -9.40
CA ARG A 137 -14.27 -5.71 -9.98
C ARG A 137 -15.31 -6.40 -9.09
N SER A 138 -15.84 -7.52 -9.59
CA SER A 138 -16.93 -8.28 -8.94
C SER A 138 -16.50 -8.93 -7.63
N GLY A 139 -15.18 -8.97 -7.41
CA GLY A 139 -14.64 -9.45 -6.14
C GLY A 139 -15.14 -8.67 -4.95
N THR A 140 -15.35 -7.36 -5.10
CA THR A 140 -15.75 -6.51 -3.99
C THR A 140 -17.07 -6.92 -3.35
N LYS A 141 -18.11 -7.06 -4.18
CA LYS A 141 -19.44 -7.43 -3.71
C LYS A 141 -19.42 -8.83 -3.10
N ASN A 142 -18.73 -9.75 -3.77
CA ASN A 142 -18.67 -11.13 -3.28
C ASN A 142 -17.90 -11.22 -1.96
N PHE A 143 -16.83 -10.43 -1.82
CA PHE A 143 -16.09 -10.42 -0.56
C PHE A 143 -16.97 -9.91 0.56
N MET A 144 -17.71 -8.82 0.33
CA MET A 144 -18.57 -8.30 1.40
C MET A 144 -19.63 -9.30 1.79
N GLU A 145 -20.17 -10.00 0.80
CA GLU A 145 -21.18 -11.03 1.05
C GLU A 145 -20.61 -12.17 1.90
N GLN A 146 -19.41 -12.63 1.54
CA GLN A 146 -18.79 -13.76 2.24
C GLN A 146 -18.32 -13.37 3.63
N LEU A 147 -17.87 -12.13 3.80
CA LEU A 147 -17.54 -11.68 5.16
C LEU A 147 -18.75 -11.78 6.05
N GLN A 148 -19.89 -11.34 5.52
CA GLN A 148 -21.13 -11.31 6.28
C GLN A 148 -21.76 -12.70 6.50
N SER A 149 -21.58 -13.61 5.55
CA SER A 149 -22.14 -14.96 5.65
C SER A 149 -21.25 -15.89 6.50
N GLY A 150 -19.99 -15.51 6.64
CA GLY A 150 -19.01 -16.33 7.34
C GLY A 150 -18.13 -17.17 6.44
N ALA A 151 -18.43 -17.18 5.14
CA ALA A 151 -17.68 -17.97 4.17
C ALA A 151 -16.22 -17.52 4.10
N ALA A 152 -16.01 -16.23 4.25
CA ALA A 152 -14.63 -15.69 4.19
C ALA A 152 -14.33 -14.94 5.46
N ASP A 153 -13.06 -14.93 5.89
CA ASP A 153 -12.69 -14.02 6.96
C ASP A 153 -11.78 -12.96 6.37
N ILE A 154 -11.52 -11.94 7.17
CA ILE A 154 -10.71 -10.80 6.70
C ILE A 154 -9.35 -11.18 6.11
N SER A 155 -8.73 -12.24 6.61
CA SER A 155 -7.40 -12.63 6.13
C SER A 155 -7.39 -13.10 4.67
N MET A 156 -8.59 -13.33 4.12
CA MET A 156 -8.73 -13.80 2.74
C MET A 156 -8.96 -12.67 1.71
N ILE A 157 -8.87 -11.42 2.16
CA ILE A 157 -9.19 -10.25 1.31
C ILE A 157 -8.40 -10.20 0.00
N GLY A 158 -7.14 -10.59 0.05
CA GLY A 158 -6.30 -10.59 -1.17
C GLY A 158 -6.79 -11.50 -2.29
N GLN A 159 -7.49 -12.58 -1.94
CA GLN A 159 -8.04 -13.49 -2.95
C GLN A 159 -9.20 -12.86 -3.75
N PHE A 160 -9.78 -11.77 -3.25
CA PHE A 160 -10.95 -11.14 -3.87
C PHE A 160 -10.58 -9.87 -4.69
N GLY A 161 -9.28 -9.62 -4.82
CA GLY A 161 -8.78 -8.55 -5.68
C GLY A 161 -8.86 -7.17 -5.04
N VAL A 162 -8.99 -7.14 -3.71
CA VAL A 162 -9.10 -5.88 -2.99
C VAL A 162 -8.16 -5.81 -1.77
N GLY A 163 -7.07 -6.55 -1.86
CA GLY A 163 -6.03 -6.61 -0.81
C GLY A 163 -5.54 -5.25 -0.33
N PHE A 164 -5.39 -4.29 -1.23
CA PHE A 164 -4.90 -2.94 -0.86
C PHE A 164 -5.70 -2.31 0.29
N TYR A 165 -7.02 -2.48 0.28
CA TYR A 165 -7.88 -1.80 1.25
C TYR A 165 -7.72 -2.33 2.66
N SER A 166 -7.01 -3.46 2.78
CA SER A 166 -6.68 -4.00 4.12
C SER A 166 -5.88 -3.03 4.95
N ALA A 167 -5.23 -2.05 4.30
CA ALA A 167 -4.45 -1.05 5.04
C ALA A 167 -5.34 -0.35 6.08
N TYR A 168 -6.63 -0.18 5.75
CA TYR A 168 -7.56 0.54 6.63
C TYR A 168 -7.98 -0.27 7.86
N LEU A 169 -7.50 -1.52 7.97
CA LEU A 169 -7.67 -2.24 9.22
C LEU A 169 -6.89 -1.57 10.32
N VAL A 170 -5.73 -1.03 9.95
CA VAL A 170 -4.79 -0.50 10.95
C VAL A 170 -4.46 0.98 10.82
N ALA A 171 -4.84 1.58 9.69
CA ALA A 171 -4.46 2.97 9.37
C ALA A 171 -5.69 3.84 9.19
N ASP A 172 -5.65 5.05 9.75
CA ASP A 172 -6.66 6.09 9.54
CA ASP A 172 -6.73 5.98 9.47
C ASP A 172 -6.51 6.80 8.20
N THR A 173 -5.27 6.95 7.76
CA THR A 173 -4.94 7.64 6.50
C THR A 173 -3.84 6.84 5.80
N VAL A 174 -4.00 6.65 4.50
CA VAL A 174 -3.01 5.98 3.69
C VAL A 174 -2.55 6.94 2.61
N ILE A 175 -1.24 7.06 2.48
CA ILE A 175 -0.59 7.91 1.47
C ILE A 175 0.26 7.06 0.56
N VAL A 176 0.04 7.16 -0.75
CA VAL A 176 0.78 6.34 -1.69
C VAL A 176 1.57 7.25 -2.63
N HIS A 177 2.89 7.28 -2.48
CA HIS A 177 3.76 8.01 -3.41
C HIS A 177 4.21 7.02 -4.45
N SER A 178 4.13 7.36 -5.72
CA SER A 178 4.59 6.36 -6.70
C SER A 178 5.22 7.04 -7.92
N LYS A 179 6.23 6.36 -8.48
CA LYS A 179 6.96 6.82 -9.66
C LYS A 179 7.11 5.66 -10.64
N ASN A 180 6.47 5.81 -11.79
CA ASN A 180 6.58 4.86 -12.89
C ASN A 180 7.43 5.54 -13.96
N ASN A 181 8.16 4.75 -14.74
CA ASN A 181 9.02 5.32 -15.79
C ASN A 181 8.29 6.26 -16.75
N ASP A 182 6.99 6.01 -16.95
CA ASP A 182 6.16 6.77 -17.89
C ASP A 182 5.50 8.05 -17.33
N ASP A 183 5.76 8.40 -16.07
CA ASP A 183 5.09 9.61 -15.53
C ASP A 183 5.97 10.30 -14.47
N GLU A 184 5.54 11.48 -14.05
CA GLU A 184 6.15 12.13 -12.90
C GLU A 184 5.72 11.42 -11.63
N GLN A 185 6.40 11.73 -10.54
CA GLN A 185 5.99 11.16 -9.25
C GLN A 185 4.70 11.81 -8.74
N TYR A 186 3.75 10.97 -8.35
CA TYR A 186 2.46 11.41 -7.82
C TYR A 186 2.22 10.88 -6.43
N VAL A 187 1.35 11.57 -5.70
CA VAL A 187 0.94 11.11 -4.38
C VAL A 187 -0.58 11.05 -4.25
N TRP A 188 -1.07 9.86 -3.90
CA TRP A 188 -2.50 9.55 -3.70
C TRP A 188 -2.72 9.55 -2.18
N GLU A 189 -3.85 10.07 -1.72
CA GLU A 189 -4.10 10.07 -0.27
C GLU A 189 -5.55 9.84 0.00
N SER A 190 -5.85 9.02 1.01
CA SER A 190 -7.25 8.95 1.46
C SER A 190 -7.36 8.60 2.92
N SER A 191 -8.32 9.24 3.57
CA SER A 191 -8.72 8.87 4.93
C SER A 191 -10.10 8.20 4.90
N ALA A 192 -10.40 7.58 3.76
CA ALA A 192 -11.71 7.01 3.46
C ALA A 192 -12.76 8.14 3.37
N GLY A 193 -13.94 7.95 3.95
CA GLY A 193 -14.96 8.99 3.89
C GLY A 193 -15.41 9.29 2.47
N GLY A 194 -15.17 8.36 1.56
CA GLY A 194 -15.72 8.43 0.21
C GLY A 194 -14.87 9.11 -0.85
N GLU A 195 -13.72 9.65 -0.46
CA GLU A 195 -12.89 10.43 -1.41
C GLU A 195 -11.43 10.10 -1.27
N PHE A 196 -10.69 10.36 -2.36
CA PHE A 196 -9.24 10.37 -2.33
C PHE A 196 -8.73 11.54 -3.15
N THR A 197 -7.48 11.92 -2.93
CA THR A 197 -6.87 12.99 -3.73
C THR A 197 -5.63 12.49 -4.38
N ILE A 198 -5.25 13.13 -5.49
CA ILE A 198 -3.96 12.86 -6.13
C ILE A 198 -3.32 14.18 -6.54
N ALA A 199 -2.03 14.30 -6.29
CA ALA A 199 -1.27 15.52 -6.63
C ALA A 199 0.12 15.16 -7.09
N LEU A 200 0.73 16.03 -7.89
CA LEU A 200 2.16 15.90 -8.18
C LEU A 200 2.94 15.92 -6.87
N ASP A 201 3.92 15.05 -6.76
CA ASP A 201 4.59 14.83 -5.49
C ASP A 201 5.88 15.65 -5.45
N HIS A 202 6.00 16.46 -4.41
CA HIS A 202 7.18 17.30 -4.21
C HIS A 202 8.12 16.80 -3.10
N THR A 203 7.81 15.62 -2.57
CA THR A 203 8.65 15.01 -1.54
C THR A 203 9.78 14.19 -2.19
N GLU A 204 10.52 13.42 -1.38
CA GLU A 204 11.72 12.73 -1.82
C GLU A 204 11.47 11.93 -3.09
N PRO A 205 12.25 12.17 -4.16
CA PRO A 205 12.12 11.36 -5.37
C PRO A 205 12.49 9.90 -5.14
N LEU A 206 11.65 9.01 -5.67
CA LEU A 206 11.83 7.58 -5.51
C LEU A 206 12.73 6.97 -6.57
N GLY A 207 12.89 7.66 -7.71
CA GLY A 207 13.61 7.07 -8.86
C GLY A 207 12.65 6.19 -9.66
N ARG A 208 12.20 5.10 -9.04
CA ARG A 208 11.13 4.27 -9.57
C ARG A 208 10.60 3.46 -8.40
N GLY A 209 9.29 3.30 -8.35
CA GLY A 209 8.68 2.45 -7.34
C GLY A 209 7.59 3.11 -6.54
N THR A 210 7.30 2.55 -5.39
CA THR A 210 6.16 3.01 -4.61
C THR A 210 6.53 3.06 -3.15
N LYS A 211 6.07 4.12 -2.48
CA LYS A 211 6.28 4.30 -1.04
C LYS A 211 4.91 4.50 -0.45
N ILE A 212 4.44 3.51 0.30
CA ILE A 212 3.14 3.59 0.94
C ILE A 212 3.33 3.93 2.42
N VAL A 213 2.61 4.95 2.88
CA VAL A 213 2.74 5.43 4.26
C VAL A 213 1.41 5.23 4.96
N LEU A 214 1.42 4.39 5.99
CA LEU A 214 0.23 4.14 6.80
C LEU A 214 0.31 5.00 8.06
N HIS A 215 -0.62 5.93 8.24
CA HIS A 215 -0.75 6.65 9.50
C HIS A 215 -1.62 5.80 10.42
N MET A 216 -0.99 5.22 11.44
CA MET A 216 -1.63 4.14 12.21
C MET A 216 -2.65 4.66 13.21
N LYS A 217 -3.74 3.91 13.31
CA LYS A 217 -4.76 4.11 14.34
C LYS A 217 -4.15 3.95 15.73
N GLU A 218 -4.67 4.70 16.70
CA GLU A 218 -4.06 4.69 18.03
C GLU A 218 -4.01 3.28 18.62
N ASP A 219 -5.09 2.50 18.45
CA ASP A 219 -5.12 1.15 19.03
C ASP A 219 -4.35 0.11 18.25
N GLN A 220 -3.67 0.54 17.19
CA GLN A 220 -2.91 -0.40 16.37
C GLN A 220 -1.42 -0.07 16.36
N LEU A 221 -1.01 0.83 17.26
CA LEU A 221 0.38 1.31 17.29
C LEU A 221 1.37 0.20 17.66
N ASP A 222 0.90 -0.89 18.29
CA ASP A 222 1.78 -2.04 18.57
C ASP A 222 2.44 -2.63 17.34
N TYR A 223 1.85 -2.43 16.15
CA TYR A 223 2.46 -2.90 14.94
C TYR A 223 3.75 -2.14 14.61
N LEU A 224 4.01 -1.03 15.30
CA LEU A 224 5.25 -0.30 15.13
C LEU A 224 6.34 -0.73 16.10
N ASP A 225 6.01 -1.58 17.07
CA ASP A 225 7.03 -2.09 17.99
C ASP A 225 8.09 -2.88 17.23
N GLU A 226 9.36 -2.57 17.48
CA GLU A 226 10.46 -3.10 16.65
C GLU A 226 10.45 -4.62 16.60
N THR A 227 10.37 -5.28 17.76
CA THR A 227 10.46 -6.74 17.77
C THR A 227 9.25 -7.34 17.07
N LYS A 228 8.08 -6.76 17.32
CA LYS A 228 6.85 -7.27 16.75
C LYS A 228 6.83 -7.18 15.22
N ILE A 229 7.20 -6.01 14.70
CA ILE A 229 7.20 -5.84 13.25
C ILE A 229 8.32 -6.65 12.60
N LYS A 230 9.49 -6.72 13.23
CA LYS A 230 10.63 -7.51 12.72
C LYS A 230 10.17 -8.95 12.53
N ASN A 231 9.52 -9.49 13.56
CA ASN A 231 9.14 -10.89 13.55
C ASN A 231 8.01 -11.14 12.56
N LEU A 232 7.05 -10.20 12.44
CA LEU A 232 5.98 -10.32 11.45
C LEU A 232 6.47 -10.21 10.03
N VAL A 233 7.49 -9.38 9.78
CA VAL A 233 8.10 -9.30 8.45
C VAL A 233 8.73 -10.65 8.10
N LYS A 234 9.45 -11.25 9.05
CA LYS A 234 9.96 -12.65 8.91
C LYS A 234 8.83 -13.62 8.55
N LYS A 235 7.72 -13.56 9.28
CA LYS A 235 6.55 -14.44 9.09
C LYS A 235 5.89 -14.29 7.72
N HIS A 236 5.80 -13.04 7.25
CA HIS A 236 5.11 -12.71 6.00
C HIS A 236 6.02 -12.49 4.80
N SER A 237 7.21 -13.08 4.85
CA SER A 237 8.13 -12.96 3.72
C SER A 237 8.94 -14.21 3.38
N GLU A 238 8.53 -15.37 3.92
CA GLU A 238 9.26 -16.61 3.67
C GLU A 238 9.42 -16.89 2.17
N PHE A 239 8.41 -16.50 1.40
CA PHE A 239 8.38 -16.82 -0.03
C PHE A 239 8.75 -15.61 -0.90
N ILE A 240 9.17 -14.52 -0.26
CA ILE A 240 9.53 -13.32 -1.01
C ILE A 240 10.97 -13.39 -1.50
N GLN A 241 11.15 -13.25 -2.82
CA GLN A 241 12.45 -13.42 -3.48
C GLN A 241 13.30 -12.14 -3.61
N TYR A 242 12.86 -11.06 -2.97
CA TYR A 242 13.61 -9.81 -2.99
C TYR A 242 14.09 -9.45 -1.58
N PRO A 243 15.25 -8.78 -1.48
CA PRO A 243 15.81 -8.38 -0.18
C PRO A 243 14.90 -7.39 0.52
N ILE A 244 14.73 -7.57 1.83
CA ILE A 244 13.91 -6.67 2.66
C ILE A 244 14.80 -6.07 3.72
N SER A 245 14.77 -4.74 3.84
CA SER A 245 15.50 -4.05 4.91
C SER A 245 14.49 -3.45 5.85
N LEU A 246 14.65 -3.76 7.12
CA LEU A 246 13.83 -3.16 8.17
C LEU A 246 14.63 -2.02 8.80
N LEU A 247 14.09 -0.80 8.70
CA LEU A 247 14.77 0.39 9.21
C LEU A 247 13.91 1.00 10.29
N THR A 248 14.29 0.81 11.55
CA THR A 248 13.49 1.27 12.68
CA THR A 248 13.44 1.31 12.62
C THR A 248 13.92 2.68 13.02
N ILE A 249 12.99 3.62 12.96
CA ILE A 249 13.35 5.04 13.19
C ILE A 249 13.19 5.36 14.66
N LYS A 250 14.27 5.86 15.27
CA LYS A 250 14.21 6.35 16.65
C LYS A 250 14.41 7.86 16.65
N GLU A 251 13.56 8.60 17.34
CA GLU A 251 13.73 10.07 17.35
C GLU A 251 14.73 10.56 18.40
N LYS A 252 15.65 11.39 17.91
CA LYS A 252 16.92 11.77 18.57
C LYS A 252 17.63 10.63 19.35
MG MG B . -2.38 -7.16 -3.89
PB ANP C . -4.20 -7.16 -6.47
O1B ANP C . -2.85 -7.25 -5.83
O2B ANP C . -4.21 -6.76 -7.92
N3B ANP C . -5.05 -8.62 -6.33
PA ANP C . -4.70 -5.01 -4.59
O1A ANP C . -5.94 -4.37 -4.09
O2A ANP C . -3.69 -5.61 -3.63
O3A ANP C . -5.16 -6.09 -5.73
O5' ANP C . -3.91 -3.88 -5.43
C5' ANP C . -4.65 -3.28 -6.47
C4' ANP C . -3.73 -2.73 -7.55
O4' ANP C . -3.02 -1.57 -7.06
C3' ANP C . -2.65 -3.70 -7.99
O3' ANP C . -3.14 -4.63 -8.96
C2' ANP C . -1.63 -2.75 -8.59
O2' ANP C . -2.07 -2.41 -9.92
C1' ANP C . -1.77 -1.53 -7.71
N9 ANP C . -0.71 -1.54 -6.69
C8 ANP C . -0.86 -1.73 -5.36
N7 ANP C . 0.31 -1.65 -4.71
C5 ANP C . 1.27 -1.41 -5.64
C6 ANP C . 2.73 -1.23 -5.66
N6 ANP C . 3.47 -1.32 -4.52
N1 ANP C . 3.30 -1.00 -6.86
C2 ANP C . 2.58 -0.95 -8.01
N3 ANP C . 1.25 -1.09 -8.05
C4 ANP C . 0.58 -1.34 -6.94
#